data_7YR0
#
_entry.id   7YR0
#
_cell.length_a   1.00
_cell.length_b   1.00
_cell.length_c   1.00
_cell.angle_alpha   90.00
_cell.angle_beta   90.00
_cell.angle_gamma   90.00
#
_symmetry.space_group_name_H-M   'P 1'
#
loop_
_entity.id
_entity.type
_entity.pdbx_description
1 polymer 'Spike protein S1'
2 polymer 'Heavy chain of S309'
3 polymer 'IGK@ protein'
4 branched beta-D-mannopyranose-(1-4)-2-acetamido-2-deoxy-beta-D-glucopyranose-(1-4)-[alpha-L-fucopyranose-(1-6)]2-acetamido-2-deoxy-beta-D-glucopyranose
#
loop_
_entity_poly.entity_id
_entity_poly.type
_entity_poly.pdbx_seq_one_letter_code
_entity_poly.pdbx_strand_id
1 'polypeptide(L)'
;ITNLCPFHEVFNATRFASVYAWNRKRISNCVADYSVLYNFAPFFAFKCYGVSPTKLNDLCFTNVYADSFVIRGNEVSQIA
PGQTGNIADYNYKLPDDFTGCVIAWNSNKLDSKVSGNYNYLYRLFRKSKLKPFERDISTEIYQAGNKPCNGVAGFNCYFP
LQSYGFRPTYGVGHQPYRVVVLSFELLHAPATVCGP
;
A
2 'polypeptide(L)'
;QVQLVQSGAEVKKPGASVKVSCKASGYPFTSYGISWVRQAPGQGLEWMGWISTYNGNTNYAQKFQGRVTMTTDTSTTTGY
MELRRLRSDDTAVYYCARDYTRGAWFGESLIGGFDNWGQGTLVTVS
;
C
3 'polypeptide(L)'
;EIVLTQSPGTLSLSPGERATLSCRASQTVSSTSLAWYQQKPGQAPRLLIYGASSRATGIPDRFSGSGSGTDFTLTISRLE
PEDFAVYYCQQHDTSLTFGGGTKVEIKRTVAAPSVFIFPPSDEQLKSGTASVVCLLNNFYPREAKVQWKVDNALQSGNSQ
ESVTEQDSKDSTYSLSSTLTLSKADYEKHKVYACEVTHQGLSSPVTKSFNRGEC
;
B
#
loop_
_chem_comp.id
_chem_comp.type
_chem_comp.name
_chem_comp.formula
BMA D-saccharide, beta linking beta-D-mannopyranose 'C6 H12 O6'
FUC L-saccharide, alpha linking alpha-L-fucopyranose 'C6 H12 O5'
NAG D-saccharide, beta linking 2-acetamido-2-deoxy-beta-D-glucopyranose 'C8 H15 N O6'
#
# COMPACT_ATOMS: atom_id res chain seq x y z
N ILE A 1 -9.62 -2.67 25.07
CA ILE A 1 -8.82 -2.19 23.96
C ILE A 1 -8.41 -3.38 23.09
N THR A 2 -9.13 -3.59 22.00
CA THR A 2 -8.90 -4.74 21.12
C THR A 2 -8.37 -4.33 19.75
N ASN A 3 -8.30 -3.04 19.45
CA ASN A 3 -7.81 -2.61 18.15
C ASN A 3 -6.31 -2.80 18.06
N LEU A 4 -5.82 -2.88 16.83
CA LEU A 4 -4.39 -3.04 16.55
C LEU A 4 -3.89 -1.80 15.82
N CYS A 5 -2.76 -1.27 16.27
CA CYS A 5 -2.23 -0.06 15.67
C CYS A 5 -1.80 -0.32 14.23
N PRO A 6 -2.09 0.59 13.31
CA PRO A 6 -1.79 0.36 11.89
C PRO A 6 -0.39 0.81 11.50
N PHE A 7 0.62 0.25 12.17
CA PHE A 7 1.99 0.46 11.72
C PHE A 7 2.22 -0.12 10.33
N HIS A 8 1.37 -1.05 9.90
CA HIS A 8 1.43 -1.58 8.55
C HIS A 8 0.82 -0.63 7.53
N GLU A 9 0.57 0.63 7.90
CA GLU A 9 0.11 1.64 6.96
C GLU A 9 1.14 2.71 6.68
N VAL A 10 2.08 2.94 7.60
CA VAL A 10 3.13 3.94 7.40
C VAL A 10 4.28 3.29 6.65
N PHE A 11 4.83 2.22 7.21
CA PHE A 11 5.94 1.53 6.55
C PHE A 11 5.50 0.90 5.23
N ASN A 12 4.28 0.37 5.19
CA ASN A 12 3.72 -0.20 3.98
C ASN A 12 2.97 0.90 3.25
N ALA A 13 3.56 1.49 2.21
CA ALA A 13 2.90 2.57 1.49
C ALA A 13 3.57 2.72 0.13
N THR A 14 3.03 3.65 -0.67
CA THR A 14 3.49 3.87 -2.04
C THR A 14 3.64 5.34 -2.43
N ARG A 15 3.08 6.28 -1.67
CA ARG A 15 3.02 7.68 -2.06
C ARG A 15 3.51 8.59 -0.93
N PHE A 16 4.69 8.27 -0.41
CA PHE A 16 5.30 9.09 0.64
C PHE A 16 5.41 10.54 0.19
N ALA A 17 5.08 11.46 1.09
CA ALA A 17 5.09 12.88 0.78
C ALA A 17 6.53 13.39 0.62
N SER A 18 6.65 14.61 0.11
CA SER A 18 7.95 15.23 -0.10
C SER A 18 8.45 15.87 1.20
N VAL A 19 9.75 16.20 1.21
CA VAL A 19 10.38 16.72 2.42
C VAL A 19 9.87 18.11 2.75
N TYR A 20 9.61 18.93 1.73
CA TYR A 20 9.18 20.31 1.99
C TYR A 20 7.76 20.38 2.50
N ALA A 21 6.98 19.31 2.35
CA ALA A 21 5.62 19.24 2.90
C ALA A 21 5.36 17.79 3.28
N TRP A 22 5.62 17.46 4.54
CA TRP A 22 5.45 16.10 5.03
C TRP A 22 4.06 15.92 5.62
N ASN A 23 3.73 14.66 5.91
CA ASN A 23 2.45 14.31 6.51
C ASN A 23 2.66 13.86 7.95
N ARG A 24 1.79 14.32 8.84
CA ARG A 24 1.86 13.97 10.26
C ARG A 24 0.68 13.08 10.60
N LYS A 25 0.95 11.82 10.95
CA LYS A 25 -0.08 10.87 11.30
C LYS A 25 -0.12 10.67 12.81
N ARG A 26 -1.30 10.80 13.38
CA ARG A 26 -1.52 10.66 14.82
C ARG A 26 -2.20 9.33 15.11
N ILE A 27 -1.67 8.59 16.07
CA ILE A 27 -2.17 7.27 16.42
C ILE A 27 -3.09 7.39 17.63
N SER A 28 -4.17 6.61 17.62
CA SER A 28 -5.21 6.65 18.66
C SER A 28 -5.35 5.26 19.27
N ASN A 29 -6.44 5.06 20.02
CA ASN A 29 -6.65 3.84 20.79
C ASN A 29 -6.39 2.59 19.96
N CYS A 30 -5.39 1.81 20.37
CA CYS A 30 -5.01 0.56 19.73
C CYS A 30 -3.95 -0.12 20.59
N VAL A 31 -3.55 -1.32 20.18
CA VAL A 31 -2.48 -2.06 20.82
C VAL A 31 -1.38 -2.27 19.79
N ALA A 32 -0.18 -1.79 20.10
CA ALA A 32 0.94 -1.81 19.18
C ALA A 32 1.81 -3.04 19.40
N ASP A 33 2.30 -3.60 18.30
CA ASP A 33 3.20 -4.74 18.32
C ASP A 33 4.49 -4.34 17.62
N TYR A 34 5.57 -4.21 18.38
CA TYR A 34 6.84 -3.71 17.86
C TYR A 34 7.72 -4.82 17.31
N SER A 35 7.23 -6.06 17.27
CA SER A 35 8.05 -7.19 16.84
C SER A 35 8.50 -7.02 15.39
N VAL A 36 7.59 -6.60 14.51
CA VAL A 36 7.94 -6.47 13.10
C VAL A 36 8.88 -5.31 12.85
N LEU A 37 9.04 -4.40 13.82
CA LEU A 37 9.90 -3.24 13.62
C LEU A 37 11.38 -3.64 13.59
N TYR A 38 11.79 -4.52 14.50
CA TYR A 38 13.19 -4.89 14.62
C TYR A 38 13.46 -6.37 14.41
N ASN A 39 12.56 -7.25 14.86
CA ASN A 39 12.77 -8.67 14.63
C ASN A 39 12.78 -9.01 13.16
N PHE A 40 11.88 -8.40 12.38
CA PHE A 40 11.83 -8.60 10.95
C PHE A 40 12.18 -7.30 10.21
N ALA A 41 12.64 -7.47 8.97
CA ALA A 41 13.04 -6.39 8.08
C ALA A 41 14.08 -5.46 8.73
N PRO A 42 15.32 -5.98 8.99
CA PRO A 42 16.39 -5.14 9.54
C PRO A 42 17.24 -4.47 8.46
N PHE A 43 16.61 -3.61 7.66
CA PHE A 43 17.34 -2.94 6.57
C PHE A 43 18.44 -2.05 7.12
N PHE A 44 18.10 -1.14 8.04
CA PHE A 44 19.08 -0.26 8.66
C PHE A 44 18.87 -0.25 10.16
N ALA A 45 19.79 0.43 10.86
CA ALA A 45 19.74 0.48 12.31
C ALA A 45 18.47 1.16 12.80
N PHE A 46 17.95 0.66 13.93
CA PHE A 46 16.71 1.20 14.48
C PHE A 46 16.87 2.67 14.86
N LYS A 47 18.07 3.07 15.29
CA LYS A 47 18.39 4.47 15.59
C LYS A 47 17.40 5.06 16.60
N CYS A 48 17.38 4.47 17.79
CA CYS A 48 16.44 4.87 18.83
C CYS A 48 17.11 5.89 19.74
N TYR A 49 16.57 7.11 19.80
CA TYR A 49 17.23 8.17 20.53
C TYR A 49 17.03 8.04 22.03
N GLY A 50 15.85 7.62 22.47
CA GLY A 50 15.55 7.46 23.88
C GLY A 50 15.01 6.06 24.14
N VAL A 51 15.44 5.48 25.26
CA VAL A 51 15.14 4.10 25.65
C VAL A 51 15.76 3.22 24.55
N SER A 52 15.20 2.04 24.31
CA SER A 52 15.82 1.06 23.43
C SER A 52 14.74 0.17 22.83
N PRO A 53 14.94 -0.34 21.61
CA PRO A 53 13.92 -1.21 21.00
C PRO A 53 13.64 -2.47 21.80
N THR A 54 14.63 -2.99 22.52
CA THR A 54 14.47 -4.23 23.27
C THR A 54 13.42 -4.07 24.37
N LYS A 55 13.33 -2.86 24.93
CA LYS A 55 12.39 -2.61 26.01
C LYS A 55 11.24 -1.72 25.52
N LEU A 56 10.79 -1.95 24.29
CA LEU A 56 9.70 -1.18 23.71
C LEU A 56 8.36 -1.91 23.72
N ASN A 57 8.28 -3.07 24.38
CA ASN A 57 7.05 -3.85 24.42
C ASN A 57 6.42 -3.88 25.81
N ASP A 58 6.92 -3.09 26.75
CA ASP A 58 6.34 -3.07 28.08
C ASP A 58 5.79 -1.70 28.46
N LEU A 59 6.55 -0.64 28.26
CA LEU A 59 6.06 0.70 28.52
C LEU A 59 5.11 1.13 27.39
N CYS A 60 4.31 2.15 27.67
CA CYS A 60 3.38 2.62 26.66
C CYS A 60 3.10 4.10 26.86
N PHE A 61 2.58 4.71 25.81
CA PHE A 61 2.49 6.16 25.69
C PHE A 61 1.03 6.58 25.51
N THR A 62 0.83 7.88 25.27
CA THR A 62 -0.51 8.40 25.02
C THR A 62 -0.83 8.39 23.52
N ASN A 63 -0.01 9.07 22.72
CA ASN A 63 -0.22 9.12 21.29
C ASN A 63 1.12 9.00 20.57
N VAL A 64 1.06 8.53 19.33
CA VAL A 64 2.25 8.32 18.51
C VAL A 64 2.15 9.24 17.30
N TYR A 65 3.24 9.95 17.01
CA TYR A 65 3.30 10.82 15.86
C TYR A 65 4.27 10.24 14.84
N ALA A 66 3.79 10.02 13.62
CA ALA A 66 4.60 9.46 12.55
C ALA A 66 4.77 10.51 11.46
N ASP A 67 6.02 10.76 11.07
CA ASP A 67 6.33 11.72 10.02
C ASP A 67 7.20 11.04 8.98
N SER A 68 6.79 11.08 7.72
CA SER A 68 7.46 10.32 6.67
C SER A 68 7.89 11.24 5.54
N PHE A 69 9.06 10.97 4.97
CA PHE A 69 9.53 11.69 3.79
C PHE A 69 10.64 10.87 3.14
N VAL A 70 11.24 11.44 2.09
CA VAL A 70 12.35 10.83 1.38
C VAL A 70 13.46 11.86 1.25
N ILE A 71 14.71 11.44 1.50
CA ILE A 71 15.83 12.37 1.50
C ILE A 71 17.08 11.75 0.88
N ARG A 72 18.15 12.53 0.86
CA ARG A 72 19.47 12.11 0.41
C ARG A 72 20.12 11.21 1.45
N GLY A 73 20.96 10.28 0.97
CA GLY A 73 21.73 9.47 1.89
C GLY A 73 22.72 10.28 2.72
N ASN A 74 23.45 11.20 2.06
CA ASN A 74 24.39 12.04 2.77
C ASN A 74 23.67 12.95 3.76
N GLU A 75 22.41 13.28 3.50
CA GLU A 75 21.60 14.09 4.41
C GLU A 75 21.01 13.27 5.56
N VAL A 76 21.19 11.94 5.55
CA VAL A 76 20.61 11.10 6.59
C VAL A 76 21.18 11.48 7.95
N SER A 77 22.49 11.71 8.02
CA SER A 77 23.10 12.12 9.28
C SER A 77 22.55 13.44 9.78
N GLN A 78 21.96 14.27 8.90
CA GLN A 78 21.39 15.53 9.33
C GLN A 78 20.11 15.34 10.15
N ILE A 79 19.53 14.15 10.12
CA ILE A 79 18.27 13.89 10.86
C ILE A 79 18.69 13.40 12.24
N ALA A 80 18.93 14.36 13.13
CA ALA A 80 19.33 14.10 14.51
C ALA A 80 19.28 15.41 15.30
N PRO A 81 18.90 15.37 16.57
CA PRO A 81 18.92 16.60 17.38
C PRO A 81 20.34 17.13 17.54
N GLY A 82 20.44 18.45 17.63
CA GLY A 82 21.72 19.10 17.81
C GLY A 82 22.52 19.30 16.54
N GLN A 83 21.97 18.96 15.38
CA GLN A 83 22.66 19.15 14.11
C GLN A 83 21.90 20.17 13.27
N THR A 84 22.64 20.86 12.41
CA THR A 84 22.07 21.85 11.50
C THR A 84 22.64 21.64 10.11
N GLY A 85 21.88 22.09 9.11
CA GLY A 85 22.30 21.91 7.73
C GLY A 85 21.25 22.47 6.79
N ASN A 86 21.44 22.17 5.51
CA ASN A 86 20.56 22.69 4.46
C ASN A 86 19.13 22.21 4.61
N ILE A 87 18.91 21.07 5.27
CA ILE A 87 17.57 20.57 5.52
C ILE A 87 17.17 20.65 6.98
N ALA A 88 18.10 20.96 7.89
CA ALA A 88 17.82 21.06 9.31
C ALA A 88 17.50 22.49 9.75
N ASP A 89 17.53 23.46 8.84
CA ASP A 89 17.25 24.86 9.16
C ASP A 89 15.99 25.39 8.50
N TYR A 90 15.70 24.96 7.26
CA TYR A 90 14.54 25.44 6.53
C TYR A 90 13.53 24.36 6.20
N ASN A 91 13.89 23.07 6.34
CA ASN A 91 13.04 21.98 5.87
C ASN A 91 12.47 21.16 7.02
N TYR A 92 13.31 20.61 7.88
CA TYR A 92 12.84 19.76 8.97
C TYR A 92 13.66 20.03 10.22
N LYS A 93 12.98 20.26 11.34
CA LYS A 93 13.63 20.56 12.61
C LYS A 93 13.37 19.45 13.61
N LEU A 94 14.45 18.94 14.21
CA LEU A 94 14.38 17.91 15.24
C LEU A 94 14.67 18.54 16.60
N PRO A 95 13.72 18.52 17.54
CA PRO A 95 13.99 19.13 18.86
C PRO A 95 15.09 18.39 19.59
N ASP A 96 15.82 19.14 20.42
CA ASP A 96 16.94 18.57 21.16
C ASP A 96 16.50 17.61 22.25
N ASP A 97 15.26 17.73 22.74
CA ASP A 97 14.70 16.81 23.71
C ASP A 97 13.84 15.74 23.05
N PHE A 98 14.20 15.34 21.83
CA PHE A 98 13.41 14.38 21.09
C PHE A 98 13.47 13.00 21.73
N THR A 99 12.31 12.33 21.77
CA THR A 99 12.21 10.95 22.21
C THR A 99 11.51 10.14 21.13
N GLY A 100 12.01 8.93 20.89
CA GLY A 100 11.48 8.10 19.84
C GLY A 100 12.55 7.49 18.95
N CYS A 101 12.25 7.33 17.67
CA CYS A 101 13.16 6.59 16.79
C CYS A 101 13.04 7.17 15.37
N VAL A 102 14.05 6.89 14.55
CA VAL A 102 14.04 7.22 13.13
C VAL A 102 14.43 5.97 12.36
N ILE A 103 13.70 5.69 11.28
CA ILE A 103 13.90 4.49 10.49
C ILE A 103 14.15 4.95 9.06
N ALA A 104 15.32 4.61 8.52
CA ALA A 104 15.62 4.91 7.13
C ALA A 104 15.91 3.64 6.37
N TRP A 105 15.51 3.60 5.10
CA TRP A 105 15.82 2.45 4.27
C TRP A 105 15.90 2.86 2.81
N ASN A 106 16.67 2.08 2.05
CA ASN A 106 16.84 2.36 0.64
C ASN A 106 15.54 2.13 -0.12
N SER A 107 15.29 3.00 -1.11
CA SER A 107 14.07 2.95 -1.90
C SER A 107 14.39 3.12 -3.38
N ASN A 108 15.43 2.43 -3.85
CA ASN A 108 15.80 2.53 -5.25
C ASN A 108 14.73 1.96 -6.16
N LYS A 109 14.26 0.74 -5.87
CA LYS A 109 13.27 0.09 -6.71
C LYS A 109 11.91 0.78 -6.64
N LEU A 110 11.70 1.66 -5.66
CA LEU A 110 10.41 2.31 -5.49
C LEU A 110 10.37 3.67 -6.18
N ASP A 111 11.29 4.56 -5.83
CA ASP A 111 11.32 5.92 -6.37
C ASP A 111 12.52 6.04 -7.31
N SER A 112 12.28 5.72 -8.59
CA SER A 112 13.30 5.88 -9.62
C SER A 112 12.63 5.82 -10.98
N LYS A 113 12.79 6.88 -11.76
CA LYS A 113 12.32 6.93 -13.14
C LYS A 113 13.53 6.96 -14.07
N VAL A 114 13.31 6.58 -15.33
CA VAL A 114 14.40 6.53 -16.29
C VAL A 114 15.04 7.91 -16.44
N SER A 115 14.22 8.94 -16.60
CA SER A 115 14.73 10.30 -16.58
C SER A 115 15.06 10.75 -15.16
N GLY A 116 14.32 10.26 -14.18
CA GLY A 116 14.50 10.61 -12.79
C GLY A 116 13.23 11.13 -12.18
N ASN A 117 13.29 11.35 -10.87
CA ASN A 117 12.16 11.86 -10.11
C ASN A 117 12.37 13.34 -9.81
N TYR A 118 11.33 14.13 -10.08
CA TYR A 118 11.36 15.57 -9.81
C TYR A 118 10.12 16.07 -9.09
N ASN A 119 9.22 15.17 -8.69
CA ASN A 119 8.03 15.59 -7.95
C ASN A 119 8.36 15.96 -6.51
N TYR A 120 9.50 15.51 -6.01
CA TYR A 120 9.92 15.84 -4.65
C TYR A 120 10.64 17.17 -4.64
N LEU A 121 10.16 18.10 -3.81
CA LEU A 121 10.70 19.44 -3.73
C LEU A 121 11.24 19.72 -2.33
N TYR A 122 12.27 20.55 -2.26
CA TYR A 122 12.84 20.98 -0.99
C TYR A 122 13.15 22.46 -1.05
N ARG A 123 12.88 23.15 0.05
CA ARG A 123 13.16 24.58 0.13
C ARG A 123 14.65 24.82 0.34
N LEU A 124 15.18 25.86 -0.29
CA LEU A 124 16.60 26.17 -0.24
C LEU A 124 16.91 27.46 0.51
N PHE A 125 16.22 28.55 0.18
CA PHE A 125 16.48 29.86 0.76
C PHE A 125 15.23 30.34 1.50
N ARG A 126 15.40 30.81 2.72
CA ARG A 126 14.27 31.33 3.49
C ARG A 126 14.81 32.32 4.52
N LYS A 127 13.91 33.18 5.01
CA LYS A 127 14.32 34.33 5.81
C LYS A 127 15.08 33.93 7.07
N SER A 128 14.56 32.97 7.82
CA SER A 128 15.12 32.62 9.12
C SER A 128 15.14 31.11 9.28
N LYS A 129 15.51 30.66 10.47
CA LYS A 129 15.53 29.23 10.77
C LYS A 129 14.22 28.80 11.41
N LEU A 130 13.84 27.55 11.14
CA LEU A 130 12.54 27.04 11.50
C LEU A 130 12.42 26.78 13.00
N LYS A 131 11.21 26.96 13.53
CA LYS A 131 10.90 26.51 14.88
C LYS A 131 10.67 25.00 14.87
N PRO A 132 10.92 24.32 15.98
CA PRO A 132 10.71 22.87 16.00
C PRO A 132 9.27 22.48 15.68
N PHE A 133 9.12 21.45 14.85
CA PHE A 133 7.83 20.89 14.48
C PHE A 133 6.89 21.97 13.93
N GLU A 134 7.33 22.61 12.85
CA GLU A 134 6.57 23.65 12.18
C GLU A 134 6.63 23.44 10.68
N ARG A 135 5.51 23.66 10.00
CA ARG A 135 5.41 23.51 8.55
C ARG A 135 5.33 24.89 7.92
N ASP A 136 6.15 25.13 6.89
CA ASP A 136 6.27 26.45 6.27
C ASP A 136 6.11 26.33 4.75
N ILE A 137 5.06 25.64 4.31
CA ILE A 137 4.76 25.57 2.89
C ILE A 137 4.25 26.93 2.42
N SER A 138 4.83 27.43 1.33
CA SER A 138 4.46 28.74 0.80
C SER A 138 5.03 28.95 -0.60
N THR A 139 4.19 29.41 -1.52
CA THR A 139 4.62 29.72 -2.89
C THR A 139 4.94 31.20 -2.96
N GLU A 140 6.23 31.53 -3.01
CA GLU A 140 6.67 32.92 -3.03
C GLU A 140 8.09 32.96 -3.58
N ILE A 141 8.54 34.17 -3.92
CA ILE A 141 9.87 34.40 -4.48
C ILE A 141 10.73 35.02 -3.39
N TYR A 142 12.03 34.77 -3.46
CA TYR A 142 12.96 35.34 -2.49
C TYR A 142 13.47 36.69 -2.98
N GLN A 143 13.47 37.67 -2.08
CA GLN A 143 13.98 39.01 -2.36
C GLN A 143 15.43 39.05 -1.94
N ALA A 144 16.34 38.83 -2.90
CA ALA A 144 17.77 38.84 -2.66
C ALA A 144 18.38 40.09 -3.29
N GLY A 145 19.15 40.83 -2.51
CA GLY A 145 19.76 42.06 -2.99
C GLY A 145 18.96 43.29 -2.61
N ASN A 146 18.84 44.23 -3.56
CA ASN A 146 18.09 45.46 -3.33
C ASN A 146 16.96 45.64 -4.33
N LYS A 147 16.56 44.58 -5.03
CA LYS A 147 15.51 44.68 -6.03
C LYS A 147 14.22 44.09 -5.48
N PRO A 148 13.20 44.91 -5.22
CA PRO A 148 11.90 44.38 -4.72
C PRO A 148 11.08 43.72 -5.83
N CYS A 149 11.36 42.45 -6.08
CA CYS A 149 10.64 41.70 -7.10
C CYS A 149 9.16 41.62 -6.75
N ASN A 150 8.31 41.88 -7.75
CA ASN A 150 6.86 41.82 -7.60
C ASN A 150 6.28 40.60 -8.30
N GLY A 151 7.01 39.49 -8.26
CA GLY A 151 6.60 38.28 -8.94
C GLY A 151 7.30 38.02 -10.27
N VAL A 152 8.28 38.85 -10.63
CA VAL A 152 8.99 38.64 -11.90
C VAL A 152 9.81 37.37 -11.84
N ALA A 153 10.41 37.06 -10.68
CA ALA A 153 11.24 35.89 -10.49
C ALA A 153 12.40 35.85 -11.49
N GLY A 154 13.01 37.01 -11.72
CA GLY A 154 14.13 37.10 -12.64
C GLY A 154 15.47 37.04 -11.94
N PHE A 155 16.34 38.01 -12.23
CA PHE A 155 17.67 38.03 -11.63
C PHE A 155 17.58 38.39 -10.15
N ASN A 156 18.43 37.75 -9.34
CA ASN A 156 18.52 37.97 -7.90
C ASN A 156 17.20 37.71 -7.18
N CYS A 157 16.32 36.92 -7.79
CA CYS A 157 15.04 36.52 -7.20
C CYS A 157 14.81 35.07 -7.61
N TYR A 158 15.24 34.14 -6.76
CA TYR A 158 15.25 32.72 -7.09
C TYR A 158 14.17 31.98 -6.33
N PHE A 159 13.58 31.00 -6.99
CA PHE A 159 12.46 30.27 -6.40
C PHE A 159 13.01 29.26 -5.40
N PRO A 160 12.65 29.38 -4.10
CA PRO A 160 13.35 28.60 -3.07
C PRO A 160 13.19 27.10 -3.22
N LEU A 161 12.02 26.62 -3.67
CA LEU A 161 11.78 25.18 -3.77
C LEU A 161 12.47 24.65 -5.02
N GLN A 162 13.53 23.89 -4.84
CA GLN A 162 14.36 23.44 -5.94
C GLN A 162 14.05 21.99 -6.30
N SER A 163 13.92 21.72 -7.59
CA SER A 163 13.67 20.37 -8.05
C SER A 163 14.81 19.46 -7.62
N TYR A 164 14.47 18.23 -7.21
CA TYR A 164 15.45 17.36 -6.58
C TYR A 164 16.29 16.62 -7.60
N GLY A 165 15.64 15.93 -8.55
CA GLY A 165 16.36 15.29 -9.63
C GLY A 165 17.04 13.98 -9.28
N PHE A 166 16.25 12.96 -8.93
CA PHE A 166 16.81 11.65 -8.61
C PHE A 166 17.32 10.97 -9.90
N ARG A 167 17.86 9.76 -9.73
CA ARG A 167 18.44 9.03 -10.85
C ARG A 167 18.48 7.55 -10.50
N PRO A 168 18.17 6.66 -11.45
CA PRO A 168 18.23 5.22 -11.17
C PRO A 168 19.57 4.58 -11.49
N THR A 169 20.45 5.26 -12.20
CA THR A 169 21.73 4.70 -12.64
C THR A 169 22.93 5.35 -11.98
N TYR A 170 22.72 6.13 -10.92
CA TYR A 170 23.81 6.81 -10.25
C TYR A 170 24.30 5.99 -9.05
N GLY A 171 25.48 6.34 -8.55
CA GLY A 171 26.05 5.63 -7.42
C GLY A 171 25.27 5.83 -6.14
N VAL A 172 25.68 5.08 -5.12
CA VAL A 172 25.00 5.08 -3.82
C VAL A 172 25.22 6.43 -3.15
N GLY A 173 24.45 6.68 -2.09
CA GLY A 173 24.50 7.96 -1.41
C GLY A 173 23.43 8.91 -1.91
N HIS A 174 23.54 9.33 -3.17
CA HIS A 174 22.48 10.15 -3.77
C HIS A 174 21.20 9.38 -4.00
N GLN A 175 21.25 8.04 -3.94
CA GLN A 175 20.05 7.25 -4.09
C GLN A 175 19.08 7.55 -2.95
N PRO A 176 17.78 7.56 -3.22
CA PRO A 176 16.81 8.02 -2.22
C PRO A 176 16.76 7.09 -1.03
N TYR A 177 16.79 7.67 0.18
CA TYR A 177 16.50 6.94 1.39
C TYR A 177 15.20 7.45 1.98
N ARG A 178 14.25 6.54 2.18
CA ARG A 178 12.97 6.88 2.76
C ARG A 178 13.09 6.82 4.27
N VAL A 179 12.63 7.88 4.94
CA VAL A 179 12.79 8.03 6.39
C VAL A 179 11.42 8.23 7.02
N VAL A 180 11.11 7.42 8.02
CA VAL A 180 9.94 7.59 8.85
C VAL A 180 10.40 7.78 10.29
N VAL A 181 9.96 8.86 10.92
CA VAL A 181 10.34 9.18 12.28
C VAL A 181 9.11 9.00 13.17
N LEU A 182 9.31 8.35 14.30
CA LEU A 182 8.26 8.09 15.27
C LEU A 182 8.58 8.84 16.54
N SER A 183 7.62 9.63 17.02
CA SER A 183 7.75 10.47 18.19
C SER A 183 6.70 10.08 19.22
N PHE A 184 7.12 10.08 20.48
CA PHE A 184 6.34 9.62 21.62
C PHE A 184 6.21 10.76 22.62
N GLU A 185 5.36 10.57 23.63
CA GLU A 185 5.33 11.48 24.79
C GLU A 185 4.90 10.65 26.01
N LEU A 186 5.79 10.56 26.99
CA LEU A 186 5.48 9.89 28.26
C LEU A 186 5.13 10.96 29.28
N LEU A 187 3.87 10.97 29.74
CA LEU A 187 3.39 11.98 30.66
C LEU A 187 2.23 11.37 31.45
N HIS A 188 1.92 11.99 32.59
CA HIS A 188 0.82 11.56 33.45
C HIS A 188 -0.50 11.98 32.80
N ALA A 189 -0.85 11.27 31.73
CA ALA A 189 -2.07 11.45 30.98
C ALA A 189 -2.73 10.11 30.77
N PRO A 190 -4.07 10.07 30.58
CA PRO A 190 -4.74 8.79 30.37
C PRO A 190 -4.14 7.98 29.23
N ALA A 191 -3.69 6.76 29.54
CA ALA A 191 -3.04 5.93 28.54
C ALA A 191 -4.01 5.58 27.41
N THR A 192 -3.52 5.65 26.18
CA THR A 192 -4.33 5.38 25.00
C THR A 192 -3.78 4.28 24.11
N VAL A 193 -2.47 4.23 23.91
CA VAL A 193 -1.83 3.19 23.12
C VAL A 193 -0.90 2.40 24.03
N CYS A 194 -1.17 1.11 24.18
CA CYS A 194 -0.31 0.23 24.96
C CYS A 194 -0.24 -1.15 24.33
N GLY A 195 0.95 -1.73 24.35
CA GLY A 195 1.17 -3.05 23.79
C GLY A 195 0.85 -4.15 24.78
N PRO A 196 1.03 -5.41 24.35
CA PRO A 196 0.72 -6.57 25.18
C PRO A 196 1.63 -6.69 26.40
N GLN B 1 -4.01 -21.20 8.69
CA GLN B 1 -4.78 -21.21 9.93
C GLN B 1 -5.99 -20.28 9.81
N VAL B 2 -5.83 -19.22 9.01
CA VAL B 2 -6.92 -18.29 8.78
C VAL B 2 -8.07 -19.00 8.08
N GLN B 3 -9.30 -18.74 8.54
CA GLN B 3 -10.47 -19.42 8.02
C GLN B 3 -11.49 -18.40 7.54
N LEU B 4 -12.02 -18.62 6.34
CA LEU B 4 -13.10 -17.83 5.78
C LEU B 4 -14.20 -18.78 5.34
N VAL B 5 -15.43 -18.53 5.79
CA VAL B 5 -16.56 -19.38 5.45
C VAL B 5 -17.73 -18.49 5.06
N GLN B 6 -18.65 -19.05 4.27
CA GLN B 6 -19.83 -18.32 3.85
C GLN B 6 -21.04 -19.25 3.95
N SER B 7 -22.18 -18.78 3.46
CA SER B 7 -23.41 -19.56 3.48
C SER B 7 -23.43 -20.52 2.29
N GLY B 8 -24.53 -21.26 2.15
CA GLY B 8 -24.68 -22.20 1.05
C GLY B 8 -25.20 -21.53 -0.21
N ALA B 9 -25.35 -22.35 -1.25
CA ALA B 9 -25.87 -21.85 -2.52
C ALA B 9 -27.32 -21.41 -2.37
N GLU B 10 -27.68 -20.36 -3.10
CA GLU B 10 -29.01 -19.77 -3.03
C GLU B 10 -29.61 -19.67 -4.42
N VAL B 11 -30.93 -19.73 -4.48
CA VAL B 11 -31.69 -19.55 -5.72
C VAL B 11 -32.70 -18.45 -5.49
N LYS B 12 -32.74 -17.47 -6.39
CA LYS B 12 -33.62 -16.32 -6.23
C LYS B 12 -34.24 -15.96 -7.58
N LYS B 13 -35.36 -15.24 -7.51
CA LYS B 13 -36.08 -14.72 -8.65
C LYS B 13 -35.89 -13.20 -8.74
N PRO B 14 -35.98 -12.63 -9.95
CA PRO B 14 -35.77 -11.18 -10.08
C PRO B 14 -36.79 -10.37 -9.28
N GLY B 15 -36.33 -9.23 -8.77
CA GLY B 15 -37.15 -8.33 -7.99
C GLY B 15 -36.96 -8.42 -6.50
N ALA B 16 -36.35 -9.50 -6.01
CA ALA B 16 -36.14 -9.69 -4.59
C ALA B 16 -34.77 -9.12 -4.18
N SER B 17 -34.34 -9.45 -2.97
CA SER B 17 -33.03 -9.05 -2.47
C SER B 17 -32.34 -10.27 -1.86
N VAL B 18 -31.02 -10.30 -1.96
CA VAL B 18 -30.22 -11.44 -1.52
C VAL B 18 -29.29 -11.00 -0.41
N LYS B 19 -29.29 -11.76 0.69
CA LYS B 19 -28.44 -11.51 1.83
C LYS B 19 -27.36 -12.58 1.89
N VAL B 20 -26.10 -12.15 1.89
CA VAL B 20 -24.95 -13.04 1.82
C VAL B 20 -24.05 -12.75 3.01
N SER B 21 -23.62 -13.81 3.71
CA SER B 21 -22.83 -13.69 4.93
C SER B 21 -21.45 -14.29 4.73
N CYS B 22 -20.44 -13.65 5.32
CA CYS B 22 -19.05 -14.10 5.24
C CYS B 22 -18.44 -14.01 6.64
N LYS B 23 -18.22 -15.17 7.26
CA LYS B 23 -17.59 -15.28 8.57
C LYS B 23 -16.08 -15.41 8.42
N ALA B 24 -15.35 -14.67 9.25
CA ALA B 24 -13.89 -14.66 9.24
C ALA B 24 -13.37 -15.04 10.61
N SER B 25 -12.30 -15.84 10.64
CA SER B 25 -11.67 -16.21 11.89
C SER B 25 -10.19 -16.44 11.67
N GLY B 26 -9.42 -16.35 12.75
CA GLY B 26 -7.99 -16.58 12.71
C GLY B 26 -7.14 -15.33 12.73
N TYR B 27 -7.72 -14.16 12.49
CA TYR B 27 -6.98 -12.91 12.49
C TYR B 27 -7.83 -11.84 13.19
N PRO B 28 -7.20 -10.79 13.70
CA PRO B 28 -7.98 -9.68 14.26
C PRO B 28 -8.80 -9.00 13.18
N PHE B 29 -10.12 -9.04 13.33
CA PHE B 29 -11.02 -8.45 12.36
C PHE B 29 -11.21 -6.97 12.68
N THR B 30 -10.10 -6.25 12.82
CA THR B 30 -10.16 -4.80 13.03
C THR B 30 -9.16 -4.02 12.20
N SER B 31 -8.04 -4.59 11.78
CA SER B 31 -7.00 -3.87 11.08
C SER B 31 -6.98 -4.15 9.58
N TYR B 32 -7.98 -4.87 9.07
CA TYR B 32 -8.07 -5.17 7.65
C TYR B 32 -9.48 -4.90 7.14
N GLY B 33 -9.56 -4.46 5.89
CA GLY B 33 -10.84 -4.27 5.25
C GLY B 33 -11.33 -5.53 4.57
N ILE B 34 -12.57 -5.46 4.10
CA ILE B 34 -13.22 -6.57 3.41
C ILE B 34 -13.52 -6.15 1.98
N SER B 35 -13.06 -6.95 1.03
CA SER B 35 -13.31 -6.71 -0.39
C SER B 35 -14.26 -7.76 -0.92
N TRP B 36 -15.33 -7.31 -1.56
CA TRP B 36 -16.35 -8.19 -2.12
C TRP B 36 -16.29 -8.09 -3.64
N VAL B 37 -16.11 -9.24 -4.29
CA VAL B 37 -15.90 -9.30 -5.73
C VAL B 37 -16.83 -10.33 -6.35
N ARG B 38 -17.14 -10.10 -7.63
CA ARG B 38 -17.97 -11.00 -8.43
C ARG B 38 -17.09 -11.80 -9.38
N GLN B 39 -17.54 -13.01 -9.71
CA GLN B 39 -16.89 -13.80 -10.75
C GLN B 39 -18.00 -14.52 -11.52
N ALA B 40 -18.14 -14.17 -12.78
CA ALA B 40 -19.13 -14.85 -13.60
C ALA B 40 -18.45 -15.86 -14.52
N PRO B 41 -19.11 -16.98 -14.82
CA PRO B 41 -18.48 -18.00 -15.67
C PRO B 41 -18.16 -17.45 -17.04
N GLY B 42 -17.00 -17.85 -17.57
CA GLY B 42 -16.56 -17.42 -18.87
C GLY B 42 -15.82 -16.11 -18.91
N GLN B 43 -15.69 -15.42 -17.78
CA GLN B 43 -15.00 -14.13 -17.73
C GLN B 43 -14.37 -13.96 -16.36
N GLY B 44 -13.66 -12.83 -16.20
CA GLY B 44 -12.86 -12.59 -15.03
C GLY B 44 -13.64 -12.00 -13.87
N LEU B 45 -12.90 -11.38 -12.96
CA LEU B 45 -13.46 -10.86 -11.71
C LEU B 45 -13.89 -9.41 -11.86
N GLU B 46 -14.59 -8.92 -10.84
CA GLU B 46 -14.99 -7.51 -10.76
C GLU B 46 -14.61 -6.95 -9.40
N TRP B 47 -14.99 -5.72 -9.11
CA TRP B 47 -14.57 -5.02 -7.90
C TRP B 47 -15.77 -4.33 -7.23
N MET B 48 -16.83 -5.11 -6.97
CA MET B 48 -18.03 -4.55 -6.36
C MET B 48 -17.76 -3.61 -5.18
N GLY B 49 -17.14 -4.11 -4.12
CA GLY B 49 -17.09 -3.32 -2.90
C GLY B 49 -15.79 -3.42 -2.15
N TRP B 50 -15.41 -2.31 -1.53
CA TRP B 50 -14.39 -2.25 -0.49
C TRP B 50 -15.01 -1.62 0.75
N ILE B 51 -14.90 -2.31 1.88
CA ILE B 51 -15.49 -1.85 3.14
C ILE B 51 -14.41 -1.83 4.21
N SER B 52 -14.40 -0.78 5.03
CA SER B 52 -13.53 -0.74 6.18
C SER B 52 -14.20 -1.47 7.35
N THR B 53 -13.48 -1.56 8.46
CA THR B 53 -14.03 -2.18 9.66
C THR B 53 -13.94 -1.27 10.88
N TYR B 54 -12.88 -0.48 11.00
CA TYR B 54 -12.77 0.46 12.11
C TYR B 54 -13.87 1.51 12.03
N ASN B 55 -14.18 1.99 10.83
CA ASN B 55 -15.28 2.91 10.58
C ASN B 55 -16.17 2.33 9.48
N GLY B 56 -17.13 3.14 9.03
CA GLY B 56 -18.11 2.72 8.05
C GLY B 56 -17.88 3.18 6.64
N ASN B 57 -16.69 3.70 6.32
CA ASN B 57 -16.42 4.19 4.97
C ASN B 57 -16.47 3.05 3.97
N THR B 58 -17.00 3.34 2.78
CA THR B 58 -17.09 2.38 1.69
C THR B 58 -16.45 2.97 0.44
N ASN B 59 -16.11 2.09 -0.50
CA ASN B 59 -15.49 2.49 -1.75
C ASN B 59 -16.19 1.79 -2.92
N TYR B 60 -17.51 1.87 -2.95
CA TYR B 60 -18.29 1.21 -4.00
C TYR B 60 -17.85 1.68 -5.37
N ALA B 61 -17.73 0.72 -6.30
CA ALA B 61 -17.38 1.04 -7.67
C ALA B 61 -18.52 1.79 -8.36
N GLN B 62 -18.14 2.70 -9.26
CA GLN B 62 -19.13 3.50 -9.96
C GLN B 62 -20.03 2.68 -10.87
N LYS B 63 -19.56 1.51 -11.32
CA LYS B 63 -20.39 0.66 -12.17
C LYS B 63 -21.63 0.19 -11.43
N PHE B 64 -21.47 -0.19 -10.16
CA PHE B 64 -22.58 -0.62 -9.32
C PHE B 64 -22.89 0.39 -8.22
N GLN B 65 -22.62 1.67 -8.49
CA GLN B 65 -22.86 2.71 -7.51
C GLN B 65 -24.36 2.97 -7.35
N GLY B 66 -24.78 3.20 -6.10
CA GLY B 66 -26.17 3.48 -5.81
C GLY B 66 -27.07 2.27 -5.67
N ARG B 67 -26.53 1.06 -5.83
CA ARG B 67 -27.31 -0.16 -5.70
C ARG B 67 -26.77 -1.14 -4.69
N VAL B 68 -25.50 -1.04 -4.31
CA VAL B 68 -24.86 -1.98 -3.40
C VAL B 68 -24.66 -1.31 -2.05
N THR B 69 -25.15 -1.95 -0.99
CA THR B 69 -24.94 -1.51 0.38
C THR B 69 -24.74 -2.74 1.24
N MET B 70 -23.63 -2.78 1.99
CA MET B 70 -23.29 -3.93 2.80
C MET B 70 -22.75 -3.45 4.14
N THR B 71 -22.91 -4.32 5.15
CA THR B 71 -22.59 -3.98 6.53
C THR B 71 -21.58 -4.97 7.10
N THR B 72 -21.01 -4.58 8.25
CA THR B 72 -20.06 -5.41 8.98
C THR B 72 -20.52 -5.54 10.42
N ASP B 73 -20.55 -6.78 10.92
CA ASP B 73 -20.91 -7.07 12.31
C ASP B 73 -19.64 -7.51 13.02
N THR B 74 -19.08 -6.62 13.85
CA THR B 74 -17.85 -6.93 14.56
C THR B 74 -18.07 -7.88 15.73
N SER B 75 -19.31 -8.00 16.21
CA SER B 75 -19.59 -8.94 17.31
C SER B 75 -19.33 -10.37 16.87
N THR B 76 -19.73 -10.71 15.64
CA THR B 76 -19.48 -12.03 15.08
C THR B 76 -18.35 -12.00 14.05
N THR B 77 -17.84 -10.81 13.72
CA THR B 77 -16.81 -10.62 12.69
C THR B 77 -17.26 -11.18 11.35
N THR B 78 -18.33 -10.57 10.82
CA THR B 78 -18.97 -11.07 9.62
C THR B 78 -19.29 -9.92 8.68
N GLY B 79 -19.26 -10.20 7.38
CA GLY B 79 -19.68 -9.25 6.36
C GLY B 79 -21.01 -9.68 5.78
N TYR B 80 -21.92 -8.72 5.61
CA TYR B 80 -23.26 -8.98 5.09
C TYR B 80 -23.53 -8.12 3.86
N MET B 81 -23.75 -8.76 2.72
CA MET B 81 -24.46 -8.11 1.62
C MET B 81 -25.97 -8.22 1.83
N GLU B 82 -26.67 -7.12 1.55
CA GLU B 82 -28.12 -7.09 1.53
C GLU B 82 -28.55 -6.61 0.14
N LEU B 83 -27.91 -7.18 -0.88
CA LEU B 83 -28.00 -6.66 -2.24
C LEU B 83 -29.44 -6.62 -2.73
N ARG B 84 -29.81 -5.51 -3.36
CA ARG B 84 -31.17 -5.23 -3.81
C ARG B 84 -31.18 -5.10 -5.33
N ARG B 85 -32.40 -5.00 -5.87
CA ARG B 85 -32.62 -4.85 -7.32
C ARG B 85 -31.98 -5.98 -8.10
N LEU B 86 -32.32 -7.21 -7.73
CA LEU B 86 -31.78 -8.37 -8.43
C LEU B 86 -32.27 -8.40 -9.88
N ARG B 87 -31.41 -8.87 -10.77
CA ARG B 87 -31.70 -8.93 -12.19
C ARG B 87 -31.47 -10.35 -12.69
N SER B 88 -32.13 -10.69 -13.80
CA SER B 88 -32.25 -12.08 -14.22
C SER B 88 -30.90 -12.76 -14.38
N ASP B 89 -30.08 -12.28 -15.32
CA ASP B 89 -28.85 -12.97 -15.71
C ASP B 89 -27.62 -12.39 -15.03
N ASP B 90 -27.75 -11.94 -13.78
CA ASP B 90 -26.61 -11.57 -12.96
C ASP B 90 -26.13 -12.73 -12.09
N THR B 91 -26.37 -13.96 -12.52
CA THR B 91 -25.97 -15.15 -11.77
C THR B 91 -24.47 -15.32 -11.85
N ALA B 92 -23.79 -15.21 -10.71
CA ALA B 92 -22.35 -15.34 -10.65
C ALA B 92 -21.94 -15.70 -9.23
N VAL B 93 -20.74 -16.24 -9.09
CA VAL B 93 -20.22 -16.57 -7.76
C VAL B 93 -19.69 -15.30 -7.11
N TYR B 94 -19.73 -15.28 -5.77
CA TYR B 94 -19.39 -14.11 -4.99
C TYR B 94 -18.28 -14.48 -4.03
N TYR B 95 -17.25 -13.63 -3.95
CA TYR B 95 -16.09 -13.88 -3.11
C TYR B 95 -15.88 -12.74 -2.14
N CYS B 96 -15.62 -13.08 -0.87
CA CYS B 96 -15.24 -12.14 0.16
C CYS B 96 -13.78 -12.41 0.53
N ALA B 97 -12.98 -11.35 0.57
CA ALA B 97 -11.56 -11.49 0.86
C ALA B 97 -11.11 -10.44 1.86
N ARG B 98 -10.07 -10.78 2.61
CA ARG B 98 -9.43 -9.82 3.51
C ARG B 98 -8.47 -8.96 2.69
N ASP B 99 -8.79 -7.68 2.56
CA ASP B 99 -8.07 -6.80 1.65
C ASP B 99 -6.83 -6.23 2.33
N TYR B 100 -5.76 -6.10 1.55
CA TYR B 100 -4.52 -5.45 1.98
C TYR B 100 -4.07 -4.45 0.92
N THR B 101 -5.02 -3.66 0.42
CA THR B 101 -4.73 -2.62 -0.55
C THR B 101 -5.07 -1.23 -0.07
N ARG B 102 -6.05 -1.08 0.81
CA ARG B 102 -6.41 0.20 1.38
C ARG B 102 -6.52 0.05 2.89
N GLY B 103 -5.90 0.98 3.62
CA GLY B 103 -5.90 0.88 5.07
C GLY B 103 -7.29 1.06 5.64
N ALA B 104 -7.56 0.34 6.73
CA ALA B 104 -8.85 0.43 7.39
C ALA B 104 -8.97 1.63 8.33
N TRP B 105 -7.87 2.33 8.59
CA TRP B 105 -7.87 3.47 9.50
C TRP B 105 -7.82 4.81 8.78
N PHE B 106 -6.83 5.01 7.91
CA PHE B 106 -6.64 6.30 7.26
C PHE B 106 -7.04 6.30 5.79
N GLY B 107 -6.86 5.19 5.08
CA GLY B 107 -7.44 5.03 3.76
C GLY B 107 -6.52 5.23 2.57
N GLU B 108 -5.22 5.43 2.78
CA GLU B 108 -4.32 5.58 1.66
C GLU B 108 -4.03 4.22 1.03
N SER B 109 -3.44 4.26 -0.16
CA SER B 109 -3.14 3.02 -0.89
C SER B 109 -2.03 2.25 -0.20
N LEU B 110 -2.17 0.93 -0.18
CA LEU B 110 -1.19 0.03 0.41
C LEU B 110 -0.44 -0.69 -0.70
N ILE B 111 0.45 -1.60 -0.31
CA ILE B 111 1.18 -2.45 -1.24
C ILE B 111 0.81 -3.89 -0.93
N GLY B 112 0.20 -4.57 -1.89
CA GLY B 112 -0.27 -5.93 -1.68
C GLY B 112 -1.48 -6.27 -2.52
N GLY B 113 -2.40 -7.04 -1.95
CA GLY B 113 -3.61 -7.43 -2.67
C GLY B 113 -4.58 -8.20 -1.80
N PHE B 114 -5.23 -9.20 -2.39
CA PHE B 114 -6.13 -10.08 -1.66
C PHE B 114 -5.36 -11.34 -1.30
N ASP B 115 -5.22 -11.62 0.00
CA ASP B 115 -4.40 -12.73 0.46
C ASP B 115 -5.19 -13.92 0.97
N ASN B 116 -6.38 -13.71 1.51
CA ASN B 116 -7.21 -14.80 2.00
C ASN B 116 -8.58 -14.72 1.34
N TRP B 117 -9.07 -15.84 0.85
CA TRP B 117 -10.33 -15.88 0.10
C TRP B 117 -11.26 -16.91 0.73
N GLY B 118 -12.56 -16.60 0.67
CA GLY B 118 -13.58 -17.52 1.11
C GLY B 118 -13.92 -18.55 0.04
N GLN B 119 -14.97 -19.31 0.31
CA GLN B 119 -15.42 -20.34 -0.62
C GLN B 119 -16.40 -19.83 -1.66
N GLY B 120 -16.89 -18.60 -1.52
CA GLY B 120 -17.79 -18.03 -2.51
C GLY B 120 -19.20 -18.58 -2.42
N THR B 121 -20.18 -17.77 -2.80
CA THR B 121 -21.58 -18.18 -2.81
C THR B 121 -22.20 -17.94 -4.17
N LEU B 122 -23.12 -18.80 -4.57
CA LEU B 122 -23.77 -18.73 -5.88
C LEU B 122 -25.24 -18.39 -5.72
N VAL B 123 -25.73 -17.48 -6.55
CA VAL B 123 -27.15 -17.13 -6.56
C VAL B 123 -27.76 -17.54 -7.89
N GLU C 1 -11.33 4.86 -16.01
CA GLU C 1 -10.60 3.74 -15.42
C GLU C 1 -9.34 3.43 -16.21
N ILE C 2 -8.60 2.42 -15.77
CA ILE C 2 -7.39 1.96 -16.44
C ILE C 2 -7.56 0.49 -16.79
N VAL C 3 -7.33 0.15 -18.05
CA VAL C 3 -7.49 -1.22 -18.53
C VAL C 3 -6.11 -1.80 -18.82
N LEU C 4 -6.01 -3.12 -18.68
CA LEU C 4 -4.78 -3.84 -18.91
C LEU C 4 -4.89 -4.65 -20.20
N THR C 5 -3.74 -4.92 -20.82
CA THR C 5 -3.69 -5.68 -22.06
C THR C 5 -2.84 -6.93 -21.86
N GLN C 6 -3.41 -8.07 -22.21
CA GLN C 6 -2.75 -9.36 -22.14
C GLN C 6 -2.81 -10.01 -23.51
N SER C 7 -1.66 -10.32 -24.09
CA SER C 7 -1.71 -11.15 -25.28
C SER C 7 -0.87 -12.43 -25.18
N PRO C 8 -0.89 -13.17 -24.05
CA PRO C 8 -0.59 -14.61 -24.13
C PRO C 8 -1.89 -15.40 -24.26
N GLY C 9 -2.49 -15.36 -25.45
CA GLY C 9 -3.82 -15.94 -25.63
C GLY C 9 -3.89 -17.39 -25.22
N THR C 10 -2.90 -18.18 -25.62
CA THR C 10 -2.78 -19.57 -25.18
C THR C 10 -1.33 -19.98 -25.25
N LEU C 11 -0.84 -20.61 -24.19
CA LEU C 11 0.54 -21.08 -24.12
C LEU C 11 0.57 -22.57 -24.43
N SER C 12 1.32 -22.94 -25.46
CA SER C 12 1.47 -24.32 -25.87
C SER C 12 2.88 -24.77 -25.47
N LEU C 13 3.00 -25.24 -24.24
CA LEU C 13 4.30 -25.61 -23.69
C LEU C 13 4.18 -26.93 -22.92
N SER C 14 5.22 -27.74 -23.02
CA SER C 14 5.33 -28.95 -22.22
C SER C 14 5.84 -28.59 -20.82
N PRO C 15 5.63 -29.46 -19.84
CA PRO C 15 6.11 -29.16 -18.48
C PRO C 15 7.62 -28.99 -18.45
N GLY C 16 8.08 -28.08 -17.60
CA GLY C 16 9.49 -27.81 -17.43
C GLY C 16 10.07 -26.75 -18.34
N GLU C 17 9.27 -26.17 -19.23
CA GLU C 17 9.76 -25.16 -20.16
C GLU C 17 9.51 -23.76 -19.60
N ARG C 18 10.17 -22.79 -20.22
CA ARG C 18 10.03 -21.39 -19.80
C ARG C 18 8.61 -20.90 -20.08
N ALA C 19 8.06 -20.15 -19.13
CA ALA C 19 6.72 -19.58 -19.27
C ALA C 19 6.81 -18.08 -19.02
N THR C 20 6.39 -17.29 -20.01
CA THR C 20 6.41 -15.84 -19.93
C THR C 20 4.99 -15.30 -20.06
N LEU C 21 4.60 -14.43 -19.14
CA LEU C 21 3.27 -13.83 -19.12
C LEU C 21 3.42 -12.31 -19.13
N SER C 22 2.54 -11.64 -19.89
CA SER C 22 2.62 -10.19 -20.07
C SER C 22 1.36 -9.53 -19.53
N CYS C 23 1.54 -8.39 -18.86
CA CYS C 23 0.44 -7.61 -18.29
C CYS C 23 0.56 -6.15 -18.67
N ARG C 24 0.69 -5.88 -19.97
CA ARG C 24 1.02 -4.54 -20.44
C ARG C 24 -0.01 -3.51 -19.98
N ALA C 25 0.47 -2.36 -19.52
CA ALA C 25 -0.39 -1.29 -19.06
C ALA C 25 -0.86 -0.44 -20.22
N SER C 26 -1.90 0.36 -19.95
CA SER C 26 -2.46 1.22 -20.99
C SER C 26 -1.65 2.51 -21.13
N GLN C 27 -1.65 3.34 -20.09
CA GLN C 27 -0.92 4.61 -20.14
C GLN C 27 0.22 4.68 -19.14
N THR C 28 -0.06 4.54 -17.84
CA THR C 28 0.97 4.59 -16.80
C THR C 28 0.48 3.80 -15.59
N VAL C 29 1.36 2.98 -15.03
CA VAL C 29 1.11 2.32 -13.75
C VAL C 29 2.37 2.44 -12.89
N SER C 30 2.17 2.73 -11.60
CA SER C 30 3.29 2.87 -10.69
C SER C 30 4.00 1.53 -10.51
N SER C 31 5.31 1.59 -10.29
CA SER C 31 6.09 0.37 -10.14
C SER C 31 5.66 -0.41 -8.90
N THR C 32 5.42 0.28 -7.79
CA THR C 32 5.06 -0.39 -6.54
C THR C 32 3.54 -0.50 -6.36
N SER C 33 2.85 -0.97 -7.41
CA SER C 33 1.42 -1.24 -7.29
C SER C 33 1.06 -2.27 -8.37
N LEU C 34 1.00 -3.54 -7.98
CA LEU C 34 0.63 -4.62 -8.87
C LEU C 34 0.23 -5.83 -8.04
N ALA C 35 -0.42 -6.79 -8.69
CA ALA C 35 -0.71 -8.05 -8.05
C ALA C 35 -0.89 -9.12 -9.11
N TRP C 36 -0.67 -10.37 -8.70
CA TRP C 36 -0.88 -11.53 -9.56
C TRP C 36 -1.66 -12.59 -8.79
N TYR C 37 -2.41 -13.41 -9.54
CA TYR C 37 -3.31 -14.38 -8.94
C TYR C 37 -3.31 -15.67 -9.74
N GLN C 38 -3.13 -16.78 -9.03
CA GLN C 38 -3.36 -18.11 -9.57
C GLN C 38 -4.85 -18.40 -9.60
N GLN C 39 -5.26 -19.30 -10.50
CA GLN C 39 -6.64 -19.77 -10.51
C GLN C 39 -6.65 -21.22 -10.97
N LYS C 40 -6.85 -22.15 -10.02
CA LYS C 40 -6.97 -23.57 -10.27
C LYS C 40 -8.41 -23.93 -10.61
N PRO C 41 -8.63 -25.02 -11.35
CA PRO C 41 -10.00 -25.37 -11.75
C PRO C 41 -10.85 -25.73 -10.53
N GLY C 42 -12.03 -25.13 -10.46
CA GLY C 42 -12.96 -25.42 -9.39
C GLY C 42 -12.47 -25.02 -8.01
N GLN C 43 -11.87 -23.83 -7.90
CA GLN C 43 -11.35 -23.35 -6.63
C GLN C 43 -11.45 -21.83 -6.60
N ALA C 44 -10.76 -21.21 -5.65
CA ALA C 44 -10.74 -19.77 -5.51
C ALA C 44 -9.34 -19.24 -5.79
N PRO C 45 -9.23 -18.03 -6.34
CA PRO C 45 -7.91 -17.47 -6.65
C PRO C 45 -7.10 -17.19 -5.39
N ARG C 46 -5.78 -17.23 -5.55
CA ARG C 46 -4.85 -16.97 -4.46
C ARG C 46 -3.78 -15.99 -4.91
N LEU C 47 -3.19 -15.30 -3.94
CA LEU C 47 -2.20 -14.28 -4.23
C LEU C 47 -0.83 -14.91 -4.47
N LEU C 48 -0.14 -14.43 -5.50
CA LEU C 48 1.17 -14.96 -5.87
C LEU C 48 2.28 -13.93 -5.76
N ILE C 49 2.13 -12.78 -6.41
CA ILE C 49 3.13 -11.71 -6.40
C ILE C 49 2.40 -10.41 -6.10
N TYR C 50 3.02 -9.54 -5.29
CA TYR C 50 2.40 -8.29 -4.88
C TYR C 50 3.29 -7.10 -5.20
N GLY C 51 4.08 -7.20 -6.27
CA GLY C 51 4.95 -6.11 -6.64
C GLY C 51 5.83 -6.43 -7.83
N ALA C 52 7.11 -6.10 -7.74
CA ALA C 52 8.03 -6.43 -8.83
C ALA C 52 8.28 -7.93 -8.88
N SER C 53 8.91 -8.49 -7.85
CA SER C 53 9.12 -9.92 -7.78
C SER C 53 8.90 -10.49 -6.38
N SER C 54 8.31 -9.73 -5.47
CA SER C 54 8.20 -10.17 -4.08
C SER C 54 7.24 -11.36 -3.97
N ARG C 55 7.67 -12.39 -3.25
CA ARG C 55 6.85 -13.57 -3.05
C ARG C 55 5.86 -13.36 -1.90
N ALA C 56 4.74 -14.06 -1.97
CA ALA C 56 3.67 -13.92 -0.98
C ALA C 56 3.48 -15.19 -0.15
N THR C 57 3.23 -16.32 -0.80
CA THR C 57 2.94 -17.58 -0.10
C THR C 57 3.69 -18.72 -0.79
N GLY C 58 4.82 -19.10 -0.22
CA GLY C 58 5.60 -20.23 -0.67
C GLY C 58 6.52 -19.94 -1.85
N ILE C 59 5.98 -19.93 -3.06
CA ILE C 59 6.73 -19.69 -4.30
C ILE C 59 8.05 -20.46 -4.25
N PRO C 60 8.04 -21.78 -4.41
CA PRO C 60 9.26 -22.56 -4.15
C PRO C 60 10.46 -22.15 -4.99
N ASP C 61 10.37 -22.31 -6.31
CA ASP C 61 11.46 -21.86 -7.16
C ASP C 61 11.03 -21.33 -8.52
N ARG C 62 9.74 -21.24 -8.81
CA ARG C 62 9.28 -21.02 -10.18
C ARG C 62 8.77 -19.61 -10.44
N PHE C 63 7.91 -19.08 -9.57
CA PHE C 63 7.21 -17.82 -9.84
C PHE C 63 8.15 -16.64 -9.62
N SER C 64 8.41 -15.87 -10.67
CA SER C 64 9.17 -14.63 -10.54
C SER C 64 8.50 -13.57 -11.38
N GLY C 65 8.79 -12.30 -11.04
CA GLY C 65 8.22 -11.18 -11.76
C GLY C 65 9.29 -10.17 -12.11
N SER C 66 8.98 -9.39 -13.14
CA SER C 66 9.88 -8.32 -13.58
C SER C 66 9.09 -7.32 -14.39
N GLY C 67 9.74 -6.24 -14.76
CA GLY C 67 9.12 -5.14 -15.48
C GLY C 67 9.44 -3.81 -14.83
N SER C 68 9.05 -2.75 -15.54
CA SER C 68 9.38 -1.41 -15.08
C SER C 68 8.53 -0.39 -15.81
N GLY C 69 7.85 0.47 -15.07
CA GLY C 69 7.05 1.51 -15.68
C GLY C 69 5.72 1.03 -16.17
N THR C 70 5.56 0.91 -17.48
CA THR C 70 4.28 0.57 -18.09
C THR C 70 4.24 -0.83 -18.68
N ASP C 71 5.29 -1.64 -18.51
CA ASP C 71 5.28 -3.02 -18.96
C ASP C 71 5.76 -3.92 -17.83
N PHE C 72 5.17 -5.12 -17.76
CA PHE C 72 5.43 -6.06 -16.68
C PHE C 72 5.19 -7.47 -17.17
N THR C 73 5.98 -8.40 -16.64
CA THR C 73 5.92 -9.80 -17.07
C THR C 73 6.23 -10.72 -15.89
N LEU C 74 5.84 -11.97 -16.05
CA LEU C 74 5.99 -13.02 -15.06
C LEU C 74 6.69 -14.20 -15.71
N THR C 75 7.62 -14.81 -14.98
CA THR C 75 8.48 -15.87 -15.48
C THR C 75 8.35 -17.12 -14.63
N ILE C 76 8.20 -18.26 -15.29
CA ILE C 76 8.15 -19.56 -14.65
C ILE C 76 9.20 -20.46 -15.30
N SER C 77 9.97 -21.16 -14.47
CA SER C 77 10.99 -22.09 -14.94
C SER C 77 10.82 -23.43 -14.23
N ARG C 78 11.14 -24.50 -14.95
CA ARG C 78 10.98 -25.87 -14.45
C ARG C 78 9.55 -26.09 -13.98
N LEU C 79 8.62 -25.92 -14.92
CA LEU C 79 7.20 -25.97 -14.62
C LEU C 79 6.78 -27.42 -14.43
N GLU C 80 6.56 -27.81 -13.18
CA GLU C 80 6.03 -29.13 -12.89
C GLU C 80 4.53 -29.13 -13.23
N PRO C 81 4.01 -30.18 -13.88
CA PRO C 81 2.72 -30.06 -14.57
C PRO C 81 1.49 -29.94 -13.69
N GLU C 82 1.64 -29.82 -12.37
CA GLU C 82 0.47 -29.72 -11.51
C GLU C 82 -0.32 -28.45 -11.78
N ASP C 83 0.37 -27.31 -11.92
CA ASP C 83 -0.32 -26.03 -11.93
C ASP C 83 -1.29 -25.86 -13.09
N PHE C 84 -0.77 -25.73 -14.32
CA PHE C 84 -1.57 -25.53 -15.53
C PHE C 84 -2.81 -24.68 -15.27
N ALA C 85 -2.63 -23.55 -14.60
CA ALA C 85 -3.73 -22.76 -14.08
C ALA C 85 -3.96 -21.52 -14.92
N VAL C 86 -4.94 -20.72 -14.51
CA VAL C 86 -5.27 -19.45 -15.14
C VAL C 86 -4.57 -18.34 -14.37
N TYR C 87 -4.08 -17.34 -15.08
CA TYR C 87 -3.27 -16.28 -14.50
C TYR C 87 -4.00 -14.96 -14.60
N TYR C 88 -4.08 -14.24 -13.49
CA TYR C 88 -4.73 -12.93 -13.44
C TYR C 88 -3.74 -11.90 -12.95
N CYS C 89 -3.79 -10.70 -13.53
CA CYS C 89 -2.94 -9.61 -13.07
C CYS C 89 -3.80 -8.40 -12.75
N GLN C 90 -3.50 -7.74 -11.63
CA GLN C 90 -4.31 -6.65 -11.10
C GLN C 90 -3.47 -5.39 -10.97
N GLN C 91 -4.03 -4.27 -11.41
CA GLN C 91 -3.45 -2.95 -11.22
C GLN C 91 -4.03 -2.29 -9.97
N HIS C 92 -3.37 -1.23 -9.51
CA HIS C 92 -3.75 -0.61 -8.25
C HIS C 92 -3.79 0.92 -8.24
N ASP C 93 -3.25 1.61 -9.25
CA ASP C 93 -3.11 3.06 -9.15
C ASP C 93 -4.47 3.76 -9.23
N THR C 94 -5.29 3.40 -10.21
CA THR C 94 -6.58 4.05 -10.43
C THR C 94 -7.68 3.01 -10.14
N SER C 95 -8.33 3.17 -8.99
CA SER C 95 -9.42 2.29 -8.55
C SER C 95 -8.89 0.87 -8.52
N LEU C 96 -9.49 -0.09 -9.24
CA LEU C 96 -9.03 -1.47 -9.24
C LEU C 96 -9.61 -2.15 -10.47
N THR C 97 -8.74 -2.80 -11.25
CA THR C 97 -9.15 -3.46 -12.49
C THR C 97 -8.37 -4.75 -12.65
N PHE C 98 -9.08 -5.86 -12.73
CA PHE C 98 -8.46 -7.15 -13.01
C PHE C 98 -8.13 -7.26 -14.49
N GLY C 99 -7.18 -8.15 -14.80
CA GLY C 99 -6.86 -8.46 -16.17
C GLY C 99 -7.85 -9.43 -16.79
N GLY C 100 -7.74 -9.59 -18.11
CA GLY C 100 -8.62 -10.51 -18.81
C GLY C 100 -8.40 -11.95 -18.42
N GLY C 101 -7.15 -12.36 -18.36
CA GLY C 101 -6.79 -13.73 -18.00
C GLY C 101 -5.95 -14.40 -19.08
N THR C 102 -5.50 -15.61 -18.75
CA THR C 102 -4.67 -16.39 -19.65
C THR C 102 -4.77 -17.85 -19.27
N LYS C 103 -5.00 -18.71 -20.25
CA LYS C 103 -5.14 -20.14 -20.03
C LYS C 103 -3.82 -20.85 -20.33
N VAL C 104 -3.49 -21.84 -19.49
CA VAL C 104 -2.32 -22.68 -19.67
C VAL C 104 -2.79 -24.11 -19.88
N GLU C 105 -2.37 -24.73 -20.97
CA GLU C 105 -2.86 -26.04 -21.38
C GLU C 105 -1.77 -27.09 -21.19
N ILE C 106 -2.06 -28.31 -21.63
CA ILE C 106 -1.24 -29.46 -21.29
C ILE C 106 -0.16 -29.74 -22.34
N LYS C 107 -0.42 -29.45 -23.61
CA LYS C 107 0.47 -29.76 -24.72
C LYS C 107 0.70 -31.26 -24.81
N ARG C 108 -0.39 -31.96 -25.12
CA ARG C 108 -0.38 -33.40 -25.31
C ARG C 108 0.49 -33.78 -26.51
C1 NAG D . 5.08 -4.44 4.71
C2 NAG D . 5.09 -4.87 6.17
C3 NAG D . 6.06 -6.04 6.36
C4 NAG D . 5.76 -7.17 5.38
C5 NAG D . 5.60 -6.66 3.95
C6 NAG D . 5.02 -7.70 3.02
C7 NAG D . 5.06 -3.74 8.34
C8 NAG D . 5.49 -2.53 9.11
N2 NAG D . 5.43 -3.77 7.05
O3 NAG D . 5.96 -6.51 7.70
O4 NAG D . 6.85 -8.09 5.41
O5 NAG D . 4.71 -5.54 3.89
O6 NAG D . 3.65 -7.92 3.29
O7 NAG D . 4.40 -4.63 8.85
C1 NAG D . 6.47 -9.44 5.77
C2 NAG D . 7.70 -10.32 5.55
C3 NAG D . 7.40 -11.78 5.94
C4 NAG D . 6.80 -11.84 7.35
C5 NAG D . 5.63 -10.87 7.49
C6 NAG D . 5.09 -10.79 8.89
C7 NAG D . 7.76 -10.57 3.03
C8 NAG D . 6.38 -11.17 3.02
N2 NAG D . 8.28 -10.21 4.22
O3 NAG D . 8.60 -12.53 5.87
O4 NAG D . 6.31 -13.15 7.60
O5 NAG D . 6.03 -9.54 7.12
O6 NAG D . 6.08 -11.16 9.84
O7 NAG D . 8.40 -10.41 1.99
C1 BMA D . 7.31 -13.97 8.25
C2 BMA D . 6.59 -15.06 9.06
C3 BMA D . 7.59 -16.10 9.58
C4 BMA D . 8.52 -16.59 8.46
C5 BMA D . 9.21 -15.38 7.82
C6 BMA D . 10.15 -15.77 6.69
O2 BMA D . 5.65 -15.76 8.26
O3 BMA D . 6.93 -17.21 10.19
O4 BMA D . 9.49 -17.48 8.98
O5 BMA D . 8.19 -14.54 7.28
O6 BMA D . 11.10 -16.68 7.20
C1 FUC D . 3.39 -9.34 3.34
C2 FUC D . 2.53 -9.63 4.59
C3 FUC D . 1.11 -9.09 4.44
C4 FUC D . 0.49 -9.59 3.13
C5 FUC D . 1.41 -9.22 1.97
C6 FUC D . 0.93 -9.77 0.64
O2 FUC D . 3.12 -9.14 5.78
O3 FUC D . 0.30 -9.57 5.50
O4 FUC D . 0.32 -10.99 3.20
O5 FUC D . 2.73 -9.76 2.16
#